data_3FJ7
#
_entry.id   3FJ7
#
_cell.length_a   62.231
_cell.length_b   79.239
_cell.length_c   99.046
_cell.angle_alpha   90.00
_cell.angle_beta   90.00
_cell.angle_gamma   90.00
#
_symmetry.space_group_name_H-M   'P 21 21 21'
#
loop_
_entity.id
_entity.type
_entity.pdbx_description
1 polymer 'Major antigenic peptide PEB3'
2 non-polymer L-PHOSPHOLACTATE
3 water water
#
_entity_poly.entity_id   1
_entity_poly.type   'polypeptide(L)'
_entity_poly.pdbx_seq_one_letter_code
;DVNLYGPGGPHTALKDIANKYSEKTGVKVNVNFGPQATWFEKAKKDADILFGASDQSALAIASDFGKDFNVSKIKPLYFR
EAIILTQKGNPLKIKGLKDLANKKVRIVVPEGAGKSNTSGTGVWEDMIGRTQDIKTIQNFRNNIVAFVPNSGSARKLFAQ
DQADAWITWIDWSKSNPDIGTAVAIEKDLVVYRTFNVIAKEGASKETQDFIAYLSSKEAKEIFKKYGWREH
;
_entity_poly.pdbx_strand_id   A,B
#
# COMPACT_ATOMS: atom_id res chain seq x y z
N ASP A 1 -7.29 -14.17 -31.08
CA ASP A 1 -6.61 -14.53 -29.79
C ASP A 1 -7.26 -13.81 -28.62
N VAL A 2 -7.11 -14.38 -27.43
CA VAL A 2 -7.48 -13.69 -26.21
C VAL A 2 -6.19 -13.23 -25.57
N ASN A 3 -6.03 -11.91 -25.43
CA ASN A 3 -4.79 -11.35 -24.92
C ASN A 3 -4.89 -10.82 -23.50
N LEU A 4 -4.04 -11.35 -22.62
CA LEU A 4 -3.95 -10.87 -21.25
C LEU A 4 -2.67 -10.08 -21.03
N TYR A 5 -2.74 -9.05 -20.21
CA TYR A 5 -1.57 -8.27 -19.82
C TYR A 5 -1.58 -8.05 -18.31
N GLY A 6 -0.39 -8.11 -17.71
CA GLY A 6 -0.26 -7.88 -16.28
C GLY A 6 1.16 -8.09 -15.80
N PRO A 7 1.37 -8.00 -14.48
CA PRO A 7 2.71 -8.09 -13.92
C PRO A 7 3.27 -9.51 -13.91
N GLY A 8 4.58 -9.63 -13.87
CA GLY A 8 5.20 -10.90 -13.58
C GLY A 8 4.73 -11.34 -12.21
N GLY A 9 4.65 -12.65 -12.01
CA GLY A 9 4.17 -13.21 -10.75
C GLY A 9 3.02 -14.16 -11.00
N PRO A 10 1.82 -13.60 -11.20
CA PRO A 10 0.67 -14.44 -11.54
C PRO A 10 0.87 -15.10 -12.90
N HIS A 11 1.83 -14.62 -13.68
CA HIS A 11 2.00 -15.09 -15.06
C HIS A 11 2.32 -16.57 -15.17
N THR A 12 3.01 -17.11 -14.18
CA THR A 12 3.38 -18.53 -14.23
C THR A 12 2.14 -19.42 -14.14
N ALA A 13 1.25 -19.11 -13.20
CA ALA A 13 0.00 -19.85 -13.08
C ALA A 13 -0.85 -19.65 -14.34
N LEU A 14 -0.93 -18.40 -14.80
CA LEU A 14 -1.74 -18.08 -15.98
C LEU A 14 -1.26 -18.79 -17.23
N LYS A 15 0.07 -18.88 -17.40
CA LYS A 15 0.59 -19.55 -18.58
C LYS A 15 0.22 -21.02 -18.58
N ASP A 16 0.26 -21.67 -17.42
CA ASP A 16 -0.15 -23.06 -17.29
C ASP A 16 -1.63 -23.21 -17.61
N ILE A 17 -2.42 -22.29 -17.06
CA ILE A 17 -3.87 -22.30 -17.26
C ILE A 17 -4.24 -22.06 -18.72
N ALA A 18 -3.60 -21.07 -19.34
CA ALA A 18 -3.85 -20.73 -20.72
C ALA A 18 -3.51 -21.90 -21.64
N ASN A 19 -2.39 -22.56 -21.34
CA ASN A 19 -1.97 -23.71 -22.12
C ASN A 19 -3.04 -24.79 -22.09
N LYS A 20 -3.48 -25.14 -20.89
CA LYS A 20 -4.50 -26.17 -20.70
C LYS A 20 -5.82 -25.77 -21.36
N TYR A 21 -6.16 -24.49 -21.25
CA TYR A 21 -7.39 -23.99 -21.85
C TYR A 21 -7.32 -24.09 -23.38
N SER A 22 -6.20 -23.67 -23.95
CA SER A 22 -6.02 -23.75 -25.39
C SER A 22 -6.09 -25.19 -25.88
N GLU A 23 -5.46 -26.10 -25.14
CA GLU A 23 -5.51 -27.51 -25.48
C GLU A 23 -6.94 -28.00 -25.53
N LYS A 24 -7.75 -27.52 -24.59
CA LYS A 24 -9.11 -28.01 -24.43
C LYS A 24 -10.09 -27.41 -25.45
N THR A 25 -10.00 -26.09 -25.65
CA THR A 25 -11.01 -25.37 -26.43
C THR A 25 -10.59 -24.99 -27.83
N GLY A 26 -9.29 -24.87 -28.06
CA GLY A 26 -8.79 -24.42 -29.36
C GLY A 26 -8.68 -22.91 -29.45
N VAL A 27 -9.06 -22.24 -28.38
CA VAL A 27 -8.94 -20.79 -28.30
C VAL A 27 -7.52 -20.43 -27.91
N LYS A 28 -6.87 -19.59 -28.71
CA LYS A 28 -5.51 -19.16 -28.43
C LYS A 28 -5.51 -18.06 -27.38
N VAL A 29 -4.83 -18.32 -26.26
CA VAL A 29 -4.76 -17.36 -25.16
C VAL A 29 -3.32 -16.96 -24.90
N ASN A 30 -3.04 -15.67 -25.01
CA ASN A 30 -1.70 -15.15 -24.83
C ASN A 30 -1.54 -14.46 -23.48
N VAL A 31 -0.52 -14.87 -22.74
CA VAL A 31 -0.23 -14.26 -21.45
C VAL A 31 0.99 -13.36 -21.56
N ASN A 32 0.75 -12.06 -21.66
CA ASN A 32 1.82 -11.07 -21.68
C ASN A 32 2.06 -10.55 -20.28
N PHE A 33 3.32 -10.50 -19.86
CA PHE A 33 3.63 -10.15 -18.48
C PHE A 33 4.90 -9.31 -18.34
N GLY A 34 4.99 -8.59 -17.23
CA GLY A 34 6.17 -7.78 -16.93
C GLY A 34 5.79 -6.41 -16.41
N PRO A 35 6.79 -5.55 -16.18
CA PRO A 35 6.52 -4.17 -15.80
C PRO A 35 5.60 -3.51 -16.82
N GLN A 36 4.67 -2.70 -16.32
CA GLN A 36 3.64 -2.09 -17.18
C GLN A 36 4.22 -1.39 -18.40
N ALA A 37 5.34 -0.69 -18.22
CA ALA A 37 5.94 0.10 -19.30
C ALA A 37 6.32 -0.74 -20.51
N THR A 38 6.56 -2.04 -20.27
CA THR A 38 7.05 -2.90 -21.34
C THR A 38 5.96 -3.37 -22.30
N TRP A 39 4.70 -3.28 -21.87
CA TRP A 39 3.59 -3.75 -22.71
C TRP A 39 2.44 -2.76 -22.83
N PHE A 40 2.53 -1.64 -22.12
CA PHE A 40 1.43 -0.69 -22.06
C PHE A 40 0.91 -0.26 -23.44
N GLU A 41 1.82 0.18 -24.31
CA GLU A 41 1.39 0.72 -25.60
C GLU A 41 0.72 -0.32 -26.49
N LYS A 42 1.22 -1.55 -26.45
CA LYS A 42 0.61 -2.63 -27.24
C LYS A 42 -0.73 -3.03 -26.63
N ALA A 43 -0.77 -3.11 -25.30
CA ALA A 43 -2.00 -3.49 -24.60
C ALA A 43 -3.14 -2.54 -24.92
N LYS A 44 -2.83 -1.25 -25.09
CA LYS A 44 -3.86 -0.27 -25.45
C LYS A 44 -4.59 -0.68 -26.72
N LYS A 45 -3.90 -1.45 -27.56
CA LYS A 45 -4.45 -1.81 -28.86
C LYS A 45 -5.23 -3.12 -28.86
N ASP A 46 -4.78 -4.11 -28.08
CA ASP A 46 -5.39 -5.44 -28.16
C ASP A 46 -5.69 -6.14 -26.84
N ALA A 47 -5.58 -5.43 -25.72
CA ALA A 47 -5.83 -6.06 -24.43
C ALA A 47 -7.30 -6.49 -24.27
N ASP A 48 -7.49 -7.76 -23.96
CA ASP A 48 -8.82 -8.29 -23.66
C ASP A 48 -9.03 -8.35 -22.16
N ILE A 49 -7.96 -8.66 -21.44
CA ILE A 49 -8.01 -8.80 -19.99
C ILE A 49 -6.75 -8.24 -19.36
N LEU A 50 -6.92 -7.49 -18.28
CA LEU A 50 -5.79 -7.09 -17.46
C LEU A 50 -5.83 -7.87 -16.16
N PHE A 51 -4.73 -8.54 -15.82
CA PHE A 51 -4.65 -9.24 -14.55
C PHE A 51 -3.72 -8.51 -13.60
N GLY A 52 -3.94 -8.68 -12.31
CA GLY A 52 -3.19 -7.93 -11.29
C GLY A 52 -2.61 -8.81 -10.19
N ALA A 53 -1.61 -8.28 -9.50
CA ALA A 53 -0.93 -8.99 -8.41
C ALA A 53 -1.26 -8.37 -7.07
N SER A 54 -2.10 -7.33 -7.10
CA SER A 54 -2.67 -6.73 -5.90
C SER A 54 -3.83 -5.84 -6.33
N ASP A 55 -4.61 -5.35 -5.39
CA ASP A 55 -5.72 -4.50 -5.76
C ASP A 55 -5.26 -3.08 -6.09
N GLN A 56 -4.46 -2.49 -5.21
CA GLN A 56 -3.99 -1.13 -5.43
C GLN A 56 -3.25 -0.99 -6.76
N SER A 57 -2.45 -1.98 -7.11
CA SER A 57 -1.69 -1.92 -8.36
C SER A 57 -2.60 -2.16 -9.57
N ALA A 58 -3.56 -3.07 -9.41
CA ALA A 58 -4.53 -3.35 -10.48
C ALA A 58 -5.41 -2.13 -10.76
N LEU A 59 -5.85 -1.47 -9.69
CA LEU A 59 -6.62 -0.25 -9.83
C LEU A 59 -5.83 0.79 -10.60
N ALA A 60 -4.56 0.95 -10.24
CA ALA A 60 -3.69 1.92 -10.90
C ALA A 60 -3.56 1.62 -12.39
N ILE A 61 -3.19 0.39 -12.71
CA ILE A 61 -2.97 0.00 -14.09
C ILE A 61 -4.25 0.11 -14.95
N ALA A 62 -5.36 -0.39 -14.43
CA ALA A 62 -6.62 -0.33 -15.17
C ALA A 62 -7.05 1.12 -15.40
N SER A 63 -6.78 1.98 -14.42
CA SER A 63 -7.10 3.39 -14.54
C SER A 63 -6.36 4.04 -15.71
N ASP A 64 -5.14 3.56 -15.95
CA ASP A 64 -4.31 4.12 -17.01
C ASP A 64 -4.90 3.90 -18.40
N PHE A 65 -5.85 2.97 -18.51
CA PHE A 65 -6.43 2.61 -19.80
C PHE A 65 -7.63 3.45 -20.22
N GLY A 66 -8.07 4.34 -19.33
CA GLY A 66 -9.20 5.20 -19.64
C GLY A 66 -10.49 4.43 -19.89
N LYS A 67 -11.31 4.94 -20.80
CA LYS A 67 -12.65 4.38 -21.00
C LYS A 67 -12.68 2.98 -21.62
N ASP A 68 -11.52 2.46 -21.99
CA ASP A 68 -11.45 1.10 -22.53
C ASP A 68 -11.73 0.06 -21.45
N PHE A 69 -11.50 0.45 -20.20
CA PHE A 69 -11.77 -0.41 -19.06
C PHE A 69 -12.57 0.35 -18.00
N ASN A 70 -13.50 -0.35 -17.36
CA ASN A 70 -14.25 0.21 -16.25
C ASN A 70 -13.74 -0.37 -14.95
N VAL A 71 -12.94 0.42 -14.21
CA VAL A 71 -12.21 -0.09 -13.05
C VAL A 71 -13.11 -0.70 -11.96
N SER A 72 -14.39 -0.36 -11.97
CA SER A 72 -15.32 -0.93 -11.00
C SER A 72 -15.49 -2.43 -11.24
N LYS A 73 -15.00 -2.91 -12.38
CA LYS A 73 -15.20 -4.30 -12.77
C LYS A 73 -14.00 -5.21 -12.44
N ILE A 74 -13.09 -4.71 -11.61
CA ILE A 74 -11.97 -5.54 -11.15
C ILE A 74 -12.49 -6.67 -10.27
N LYS A 75 -12.08 -7.89 -10.60
CA LYS A 75 -12.57 -9.09 -9.92
C LYS A 75 -11.47 -9.81 -9.15
N PRO A 76 -11.49 -9.70 -7.81
CA PRO A 76 -10.54 -10.47 -7.01
C PRO A 76 -10.93 -11.95 -7.04
N LEU A 77 -9.96 -12.83 -7.26
CA LEU A 77 -10.26 -14.27 -7.36
C LEU A 77 -9.47 -15.16 -6.39
N TYR A 78 -8.22 -14.78 -6.10
CA TYR A 78 -7.40 -15.55 -5.17
C TYR A 78 -6.54 -14.61 -4.35
N PHE A 79 -5.93 -15.13 -3.28
CA PHE A 79 -4.95 -14.37 -2.52
C PHE A 79 -3.76 -15.25 -2.16
N ARG A 80 -2.66 -14.63 -1.76
CA ARG A 80 -1.52 -15.40 -1.25
C ARG A 80 -0.75 -14.56 -0.24
N GLU A 81 0.06 -15.24 0.58
CA GLU A 81 0.76 -14.57 1.67
C GLU A 81 2.09 -13.96 1.22
N ALA A 82 2.46 -12.85 1.84
CA ALA A 82 3.80 -12.30 1.69
C ALA A 82 4.77 -13.27 2.36
N ILE A 83 6.00 -13.31 1.84
CA ILE A 83 7.05 -14.13 2.45
C ILE A 83 8.36 -13.35 2.50
N ILE A 84 9.33 -13.87 3.23
CA ILE A 84 10.70 -13.38 3.16
C ILE A 84 11.50 -14.39 2.34
N LEU A 85 12.09 -13.93 1.25
CA LEU A 85 12.97 -14.79 0.47
C LEU A 85 14.42 -14.50 0.84
N THR A 86 15.11 -15.53 1.32
CA THR A 86 16.50 -15.40 1.72
C THR A 86 17.38 -16.12 0.70
N GLN A 87 18.68 -15.83 0.72
CA GLN A 87 19.58 -16.53 -0.19
C GLN A 87 19.51 -18.02 0.12
N LYS A 88 19.71 -18.85 -0.89
CA LYS A 88 19.56 -20.29 -0.74
C LYS A 88 20.31 -20.79 0.51
N GLY A 89 19.59 -21.50 1.38
CA GLY A 89 20.18 -22.05 2.59
C GLY A 89 19.99 -21.17 3.81
N ASN A 90 19.48 -19.95 3.59
CA ASN A 90 19.23 -19.02 4.69
C ASN A 90 20.44 -18.92 5.62
N PRO A 91 21.58 -18.45 5.10
CA PRO A 91 22.85 -18.41 5.81
C PRO A 91 22.81 -17.57 7.10
N LEU A 92 22.00 -16.52 7.11
CA LEU A 92 21.89 -15.65 8.27
C LEU A 92 20.83 -16.11 9.27
N LYS A 93 20.24 -17.26 9.01
CA LYS A 93 19.25 -17.85 9.91
C LYS A 93 18.11 -16.89 10.22
N ILE A 94 17.59 -16.25 9.18
CA ILE A 94 16.48 -15.31 9.33
C ILE A 94 15.22 -16.05 9.75
N LYS A 95 14.53 -15.54 10.77
CA LYS A 95 13.41 -16.25 11.37
C LYS A 95 12.08 -15.49 11.29
N GLY A 96 12.06 -14.38 10.58
CA GLY A 96 10.84 -13.58 10.43
C GLY A 96 11.14 -12.10 10.31
N LEU A 97 10.09 -11.28 10.32
CA LEU A 97 10.24 -9.84 10.15
C LEU A 97 10.92 -9.17 11.34
N LYS A 98 10.51 -9.55 12.55
CA LYS A 98 11.12 -8.98 13.73
C LYS A 98 12.61 -9.28 13.74
N ASP A 99 12.96 -10.51 13.34
CA ASP A 99 14.36 -10.91 13.24
C ASP A 99 15.12 -10.03 12.24
N LEU A 100 14.47 -9.70 11.13
CA LEU A 100 15.06 -8.81 10.14
C LEU A 100 15.37 -7.44 10.73
N ALA A 101 14.46 -6.96 11.59
CA ALA A 101 14.63 -5.65 12.21
C ALA A 101 15.79 -5.66 13.21
N ASN A 102 16.01 -6.80 13.84
CA ASN A 102 17.01 -6.90 14.90
C ASN A 102 18.43 -7.16 14.39
N LYS A 103 18.53 -7.84 13.25
CA LYS A 103 19.83 -8.20 12.70
C LYS A 103 20.35 -7.14 11.74
N LYS A 104 21.63 -7.22 11.41
CA LYS A 104 22.22 -6.34 10.41
C LYS A 104 22.14 -7.02 9.04
N VAL A 105 21.07 -6.74 8.31
CA VAL A 105 20.82 -7.42 7.05
C VAL A 105 20.37 -6.45 5.98
N ARG A 106 20.58 -6.83 4.71
CA ARG A 106 20.15 -6.01 3.58
C ARG A 106 18.83 -6.50 3.04
N ILE A 107 17.81 -5.64 3.11
CA ILE A 107 16.48 -5.98 2.63
C ILE A 107 16.11 -5.22 1.36
N VAL A 108 15.45 -5.90 0.44
CA VAL A 108 14.97 -5.26 -0.78
C VAL A 108 13.47 -5.43 -0.86
N VAL A 109 12.78 -4.33 -1.13
CA VAL A 109 11.31 -4.32 -1.20
C VAL A 109 10.88 -3.55 -2.45
N PRO A 110 9.80 -4.02 -3.11
CA PRO A 110 9.25 -3.24 -4.22
C PRO A 110 8.28 -2.18 -3.71
N GLU A 111 8.56 -0.93 -4.05
CA GLU A 111 7.69 0.19 -3.70
C GLU A 111 7.53 1.08 -4.93
N GLY A 112 6.29 1.39 -5.27
CA GLY A 112 5.99 2.12 -6.50
C GLY A 112 6.50 3.56 -6.51
N ALA A 113 6.53 4.16 -5.33
CA ALA A 113 6.98 5.54 -5.20
C ALA A 113 6.14 6.50 -6.06
N GLY A 114 4.90 6.09 -6.35
CA GLY A 114 3.97 6.94 -7.11
C GLY A 114 4.27 7.04 -8.59
N LYS A 115 5.24 6.27 -9.06
CA LYS A 115 5.64 6.33 -10.46
C LYS A 115 5.79 4.95 -11.08
N SER A 116 5.45 3.92 -10.31
CA SER A 116 5.42 2.55 -10.80
C SER A 116 4.28 1.81 -10.10
N ASN A 117 3.54 1.02 -10.86
CA ASN A 117 2.41 0.27 -10.33
C ASN A 117 2.81 -1.17 -10.01
N THR A 118 3.12 -1.41 -8.74
CA THR A 118 3.67 -2.69 -8.30
C THR A 118 2.90 -3.24 -7.10
N SER A 119 2.77 -4.56 -7.05
CA SER A 119 2.03 -5.22 -5.97
C SER A 119 2.65 -4.94 -4.60
N GLY A 120 3.89 -4.48 -4.57
CA GLY A 120 4.61 -4.34 -3.31
C GLY A 120 4.25 -3.13 -2.46
N THR A 121 3.67 -2.12 -3.08
CA THR A 121 3.46 -0.83 -2.43
C THR A 121 2.63 -0.90 -1.14
N GLY A 122 3.24 -0.50 -0.03
CA GLY A 122 2.55 -0.46 1.26
C GLY A 122 2.69 -1.73 2.09
N VAL A 123 3.27 -2.77 1.49
CA VAL A 123 3.34 -4.08 2.11
C VAL A 123 4.24 -4.12 3.35
N TRP A 124 5.50 -3.73 3.20
CA TRP A 124 6.43 -3.88 4.32
C TRP A 124 6.01 -3.07 5.56
N GLU A 125 5.51 -1.86 5.34
CA GLU A 125 5.13 -1.03 6.48
C GLU A 125 3.88 -1.55 7.16
N ASP A 126 2.97 -2.12 6.38
CA ASP A 126 1.75 -2.68 6.95
C ASP A 126 2.04 -3.92 7.81
N MET A 127 3.07 -4.67 7.44
CA MET A 127 3.43 -5.86 8.21
C MET A 127 4.20 -5.50 9.47
N ILE A 128 5.31 -4.79 9.31
CA ILE A 128 6.14 -4.45 10.46
C ILE A 128 5.43 -3.46 11.39
N GLY A 129 4.51 -2.68 10.84
CA GLY A 129 3.75 -1.72 11.62
C GLY A 129 2.88 -2.41 12.66
N ARG A 130 2.52 -3.66 12.40
CA ARG A 130 1.67 -4.40 13.32
C ARG A 130 2.41 -4.87 14.59
N THR A 131 3.70 -4.58 14.66
CA THR A 131 4.46 -4.81 15.90
C THR A 131 4.14 -3.70 16.90
N GLN A 132 3.54 -2.62 16.40
CA GLN A 132 3.18 -1.47 17.22
C GLN A 132 4.36 -0.98 18.07
N ASP A 133 5.53 -0.93 17.46
CA ASP A 133 6.74 -0.49 18.14
C ASP A 133 7.58 0.33 17.18
N ILE A 134 7.71 1.62 17.45
CA ILE A 134 8.39 2.51 16.53
C ILE A 134 9.87 2.17 16.33
N LYS A 135 10.52 1.71 17.40
CA LYS A 135 11.91 1.29 17.30
C LYS A 135 12.08 0.15 16.30
N THR A 136 11.16 -0.82 16.37
CA THR A 136 11.20 -1.97 15.48
C THR A 136 10.98 -1.54 14.04
N ILE A 137 10.00 -0.66 13.84
CA ILE A 137 9.72 -0.13 12.51
C ILE A 137 10.95 0.61 11.97
N GLN A 138 11.55 1.45 12.80
CA GLN A 138 12.76 2.18 12.43
C GLN A 138 13.89 1.24 12.04
N ASN A 139 14.14 0.26 12.89
CA ASN A 139 15.21 -0.70 12.66
C ASN A 139 15.02 -1.45 11.35
N PHE A 140 13.79 -1.93 11.13
CA PHE A 140 13.48 -2.63 9.89
C PHE A 140 13.79 -1.74 8.70
N ARG A 141 13.27 -0.52 8.72
CA ARG A 141 13.46 0.40 7.60
C ARG A 141 14.94 0.69 7.37
N ASN A 142 15.69 0.78 8.47
CA ASN A 142 17.12 1.05 8.38
C ASN A 142 17.88 -0.06 7.66
N ASN A 143 17.28 -1.24 7.56
CA ASN A 143 17.90 -2.38 6.88
C ASN A 143 17.52 -2.49 5.41
N ILE A 144 16.58 -1.66 4.96
CA ILE A 144 16.21 -1.68 3.54
C ILE A 144 17.28 -0.99 2.71
N VAL A 145 17.92 -1.75 1.84
CA VAL A 145 19.02 -1.23 1.04
C VAL A 145 18.54 -0.66 -0.29
N ALA A 146 17.35 -1.07 -0.71
CA ALA A 146 16.79 -0.64 -1.98
C ALA A 146 15.28 -0.73 -2.02
N PHE A 147 14.64 0.36 -2.43
CA PHE A 147 13.22 0.35 -2.76
C PHE A 147 13.14 0.32 -4.28
N VAL A 148 12.74 -0.83 -4.83
CA VAL A 148 12.75 -1.01 -6.29
C VAL A 148 11.35 -0.87 -6.90
N PRO A 149 11.28 -0.55 -8.20
CA PRO A 149 10.01 -0.22 -8.84
C PRO A 149 9.04 -1.40 -9.01
N ASN A 150 9.55 -2.62 -9.03
CA ASN A 150 8.71 -3.80 -9.21
C ASN A 150 9.40 -5.09 -8.77
N SER A 151 8.63 -6.17 -8.68
CA SER A 151 9.14 -7.45 -8.21
C SER A 151 10.27 -7.98 -9.09
N GLY A 152 10.13 -7.80 -10.40
CA GLY A 152 11.17 -8.23 -11.33
C GLY A 152 12.51 -7.58 -11.00
N SER A 153 12.46 -6.30 -10.65
CA SER A 153 13.66 -5.55 -10.30
C SER A 153 14.27 -6.06 -9.00
N ALA A 154 13.41 -6.39 -8.05
CA ALA A 154 13.87 -6.97 -6.80
C ALA A 154 14.53 -8.32 -7.06
N ARG A 155 13.91 -9.12 -7.92
CA ARG A 155 14.46 -10.42 -8.26
C ARG A 155 15.88 -10.30 -8.80
N LYS A 156 16.09 -9.35 -9.69
CA LYS A 156 17.40 -9.16 -10.30
C LYS A 156 18.43 -8.75 -9.27
N LEU A 157 18.06 -7.80 -8.42
CA LEU A 157 18.93 -7.32 -7.35
C LEU A 157 19.29 -8.48 -6.41
N PHE A 158 18.27 -9.23 -6.01
CA PHE A 158 18.44 -10.38 -5.14
C PHE A 158 19.35 -11.45 -5.76
N ALA A 159 19.14 -11.73 -7.05
CA ALA A 159 19.91 -12.75 -7.74
C ALA A 159 21.38 -12.38 -7.88
N GLN A 160 21.67 -11.08 -7.85
CA GLN A 160 23.03 -10.58 -7.93
C GLN A 160 23.70 -10.54 -6.56
N ASP A 161 23.03 -11.10 -5.56
CA ASP A 161 23.54 -11.15 -4.18
C ASP A 161 23.75 -9.77 -3.58
N GLN A 162 22.89 -8.82 -3.92
CA GLN A 162 22.99 -7.47 -3.39
C GLN A 162 22.01 -7.24 -2.25
N ALA A 163 21.23 -8.27 -1.92
CA ALA A 163 20.33 -8.22 -0.78
C ALA A 163 20.28 -9.59 -0.10
N ASP A 164 20.17 -9.58 1.23
CA ASP A 164 20.07 -10.81 2.00
C ASP A 164 18.64 -11.31 2.04
N ALA A 165 17.70 -10.36 1.99
CA ALA A 165 16.29 -10.69 2.12
C ALA A 165 15.43 -9.84 1.18
N TRP A 166 14.47 -10.49 0.54
CA TRP A 166 13.57 -9.82 -0.37
C TRP A 166 12.14 -10.07 0.13
N ILE A 167 11.45 -8.99 0.46
CA ILE A 167 10.05 -9.10 0.87
C ILE A 167 9.21 -9.29 -0.39
N THR A 168 8.63 -10.48 -0.52
CA THR A 168 7.93 -10.85 -1.75
C THR A 168 6.69 -11.70 -1.46
N TRP A 169 6.23 -12.45 -2.47
CA TRP A 169 5.04 -13.27 -2.36
C TRP A 169 5.39 -14.75 -2.50
N ILE A 170 4.62 -15.61 -1.85
CA ILE A 170 4.90 -17.04 -1.89
C ILE A 170 5.03 -17.55 -3.34
N ASP A 171 4.25 -16.99 -4.25
CA ASP A 171 4.26 -17.49 -5.64
C ASP A 171 5.60 -17.29 -6.33
N TRP A 172 6.33 -16.23 -5.97
CA TRP A 172 7.65 -15.99 -6.54
C TRP A 172 8.61 -17.11 -6.15
N SER A 173 8.45 -17.64 -4.94
CA SER A 173 9.26 -18.77 -4.50
C SER A 173 8.81 -20.05 -5.19
N LYS A 174 7.51 -20.27 -5.24
CA LYS A 174 6.96 -21.47 -5.90
C LYS A 174 7.38 -21.51 -7.37
N SER A 175 7.42 -20.35 -8.00
CA SER A 175 7.77 -20.25 -9.42
C SER A 175 9.29 -20.37 -9.65
N ASN A 176 10.05 -20.11 -8.59
CA ASN A 176 11.51 -20.10 -8.68
C ASN A 176 12.13 -20.78 -7.46
N PRO A 177 11.88 -22.09 -7.31
CA PRO A 177 12.31 -22.82 -6.12
C PRO A 177 13.80 -22.72 -5.84
N ASP A 178 14.62 -22.65 -6.88
CA ASP A 178 16.07 -22.73 -6.70
C ASP A 178 16.77 -21.40 -6.41
N ILE A 179 16.06 -20.29 -6.55
CA ILE A 179 16.70 -18.98 -6.46
C ILE A 179 16.92 -18.52 -5.01
N GLY A 180 16.18 -19.12 -4.08
CA GLY A 180 16.32 -18.74 -2.68
C GLY A 180 15.53 -19.65 -1.75
N THR A 181 15.57 -19.33 -0.47
CA THR A 181 14.86 -20.11 0.54
C THR A 181 13.78 -19.25 1.18
N ALA A 182 12.54 -19.71 1.09
CA ALA A 182 11.41 -18.97 1.64
C ALA A 182 11.34 -19.11 3.16
N VAL A 183 11.10 -17.99 3.84
CA VAL A 183 10.90 -17.98 5.28
C VAL A 183 9.54 -17.35 5.57
N ALA A 184 8.68 -18.08 6.27
CA ALA A 184 7.34 -17.60 6.56
C ALA A 184 7.34 -16.41 7.51
N ILE A 185 6.44 -15.47 7.27
CA ILE A 185 6.31 -14.29 8.11
C ILE A 185 5.34 -14.54 9.26
N GLU A 186 5.66 -13.98 10.43
CA GLU A 186 4.77 -14.06 11.60
C GLU A 186 3.31 -13.93 11.19
N LYS A 187 2.50 -14.91 11.58
CA LYS A 187 1.08 -14.90 11.23
C LYS A 187 0.36 -13.65 11.72
N ASP A 188 0.87 -13.04 12.79
CA ASP A 188 0.22 -11.86 13.35
C ASP A 188 0.66 -10.57 12.66
N LEU A 189 1.59 -10.70 11.72
CA LEU A 189 2.12 -9.53 11.00
C LEU A 189 1.86 -9.60 9.50
N VAL A 190 1.80 -10.82 8.97
CA VAL A 190 1.77 -11.03 7.52
C VAL A 190 0.56 -10.38 6.85
N VAL A 191 0.71 -9.98 5.59
CA VAL A 191 -0.43 -9.55 4.80
C VAL A 191 -0.64 -10.48 3.61
N TYR A 192 -1.89 -10.53 3.16
CA TYR A 192 -2.28 -11.35 2.03
C TYR A 192 -2.84 -10.41 0.97
N ARG A 193 -2.32 -10.50 -0.24
CA ARG A 193 -2.86 -9.70 -1.34
C ARG A 193 -3.37 -10.58 -2.48
N THR A 194 -4.19 -9.98 -3.35
CA THR A 194 -5.00 -10.75 -4.27
C THR A 194 -4.50 -10.81 -5.71
N PHE A 195 -4.95 -11.84 -6.41
CA PHE A 195 -4.91 -11.88 -7.86
C PHE A 195 -6.29 -11.43 -8.34
N ASN A 196 -6.31 -10.64 -9.41
CA ASN A 196 -7.57 -10.16 -9.96
C ASN A 196 -7.53 -10.09 -11.49
N VAL A 197 -8.70 -10.00 -12.10
CA VAL A 197 -8.80 -9.81 -13.54
C VAL A 197 -9.88 -8.78 -13.83
N ILE A 198 -9.72 -8.08 -14.95
CA ILE A 198 -10.76 -7.21 -15.45
C ILE A 198 -10.85 -7.33 -16.97
N ALA A 199 -12.05 -7.57 -17.48
CA ALA A 199 -12.27 -7.68 -18.91
C ALA A 199 -12.56 -6.30 -19.50
N LYS A 200 -12.04 -6.05 -20.70
CA LYS A 200 -12.27 -4.77 -21.35
C LYS A 200 -13.75 -4.56 -21.62
N GLU A 201 -14.15 -3.31 -21.75
CA GLU A 201 -15.52 -2.99 -22.15
C GLU A 201 -15.78 -3.60 -23.51
N GLY A 202 -16.91 -4.30 -23.63
CA GLY A 202 -17.27 -4.96 -24.88
C GLY A 202 -16.52 -6.25 -25.11
N ALA A 203 -16.01 -6.84 -24.02
CA ALA A 203 -15.26 -8.09 -24.10
C ALA A 203 -16.01 -9.15 -24.88
N SER A 204 -15.27 -9.90 -25.71
CA SER A 204 -15.86 -10.94 -26.53
C SER A 204 -16.33 -12.12 -25.68
N LYS A 205 -17.19 -12.95 -26.27
CA LYS A 205 -17.67 -14.14 -25.57
C LYS A 205 -16.50 -15.03 -25.20
N GLU A 206 -15.54 -15.16 -26.11
CA GLU A 206 -14.35 -15.96 -25.85
C GLU A 206 -13.58 -15.45 -24.64
N THR A 207 -13.44 -14.13 -24.55
CA THR A 207 -12.78 -13.51 -23.40
C THR A 207 -13.52 -13.81 -22.10
N GLN A 208 -14.83 -13.63 -22.11
CA GLN A 208 -15.65 -13.92 -20.94
C GLN A 208 -15.54 -15.39 -20.55
N ASP A 209 -15.49 -16.27 -21.55
CA ASP A 209 -15.38 -17.70 -21.30
C ASP A 209 -14.09 -18.05 -20.58
N PHE A 210 -12.99 -17.41 -20.97
CA PHE A 210 -11.72 -17.66 -20.31
C PHE A 210 -11.74 -17.16 -18.87
N ILE A 211 -12.34 -15.99 -18.66
CA ILE A 211 -12.48 -15.47 -17.31
C ILE A 211 -13.23 -16.46 -16.44
N ALA A 212 -14.32 -17.01 -16.97
CA ALA A 212 -15.07 -18.03 -16.24
C ALA A 212 -14.18 -19.23 -15.91
N TYR A 213 -13.32 -19.60 -16.85
CA TYR A 213 -12.44 -20.74 -16.68
C TYR A 213 -11.46 -20.54 -15.51
N LEU A 214 -11.13 -19.29 -15.23
CA LEU A 214 -10.21 -18.99 -14.13
C LEU A 214 -10.79 -19.39 -12.78
N SER A 215 -12.09 -19.69 -12.76
CA SER A 215 -12.76 -20.14 -11.54
C SER A 215 -13.15 -21.61 -11.62
N SER A 216 -12.67 -22.29 -12.66
CA SER A 216 -12.96 -23.71 -12.85
C SER A 216 -12.11 -24.55 -11.89
N LYS A 217 -12.52 -25.80 -11.69
CA LYS A 217 -11.77 -26.69 -10.81
C LYS A 217 -10.34 -26.85 -11.32
N GLU A 218 -10.17 -26.91 -12.64
CA GLU A 218 -8.85 -27.08 -13.24
C GLU A 218 -7.94 -25.90 -12.98
N ALA A 219 -8.48 -24.69 -13.09
CA ALA A 219 -7.69 -23.49 -12.85
C ALA A 219 -7.35 -23.36 -11.37
N LYS A 220 -8.31 -23.64 -10.51
CA LYS A 220 -8.07 -23.56 -9.07
C LYS A 220 -6.87 -24.41 -8.67
N GLU A 221 -6.79 -25.60 -9.24
CA GLU A 221 -5.71 -26.51 -8.90
C GLU A 221 -4.36 -25.96 -9.31
N ILE A 222 -4.30 -25.35 -10.50
CA ILE A 222 -3.06 -24.75 -10.98
C ILE A 222 -2.66 -23.57 -10.09
N PHE A 223 -3.63 -22.70 -9.79
CA PHE A 223 -3.38 -21.58 -8.90
C PHE A 223 -2.82 -22.07 -7.56
N LYS A 224 -3.45 -23.12 -7.02
CA LYS A 224 -3.04 -23.69 -5.74
C LYS A 224 -1.57 -24.12 -5.75
N LYS A 225 -1.14 -24.71 -6.85
CA LYS A 225 0.24 -25.15 -7.01
C LYS A 225 1.24 -24.00 -6.81
N TYR A 226 0.83 -22.80 -7.19
CA TYR A 226 1.71 -21.64 -7.09
C TYR A 226 1.49 -20.84 -5.81
N GLY A 227 0.61 -21.33 -4.95
CA GLY A 227 0.40 -20.72 -3.64
C GLY A 227 -0.83 -19.83 -3.52
N TRP A 228 -1.59 -19.72 -4.60
CA TRP A 228 -2.79 -18.88 -4.61
C TRP A 228 -3.96 -19.61 -3.95
N ARG A 229 -4.64 -18.94 -3.02
CA ARG A 229 -5.64 -19.58 -2.16
C ARG A 229 -7.01 -18.91 -2.22
N GLU A 230 -8.01 -19.57 -1.61
CA GLU A 230 -9.37 -19.05 -1.54
C GLU A 230 -9.96 -18.62 -0.16
N HIS A 231 -9.84 -19.35 0.98
CA HIS A 231 -9.32 -20.72 1.25
C HIS A 231 -7.81 -20.93 1.21
N ASP B 1 13.14 31.26 8.95
CA ASP B 1 11.92 30.44 9.14
C ASP B 1 12.21 28.97 8.84
N VAL B 2 11.46 28.08 9.47
CA VAL B 2 11.52 26.66 9.13
C VAL B 2 10.19 26.27 8.49
N ASN B 3 10.25 25.81 7.24
CA ASN B 3 9.05 25.49 6.49
C ASN B 3 8.84 24.00 6.26
N LEU B 4 7.69 23.49 6.71
CA LEU B 4 7.33 22.10 6.53
C LEU B 4 6.24 21.95 5.48
N TYR B 5 6.30 20.87 4.71
CA TYR B 5 5.28 20.54 3.74
C TYR B 5 4.88 19.08 3.87
N GLY B 6 3.59 18.79 3.71
CA GLY B 6 3.11 17.42 3.75
C GLY B 6 1.59 17.33 3.71
N PRO B 7 1.07 16.10 3.90
CA PRO B 7 -0.37 15.88 3.78
C PRO B 7 -1.16 16.42 4.97
N GLY B 8 -2.43 16.69 4.75
CA GLY B 8 -3.35 16.97 5.84
C GLY B 8 -3.43 15.73 6.72
N GLY B 9 -3.70 15.93 8.01
CA GLY B 9 -3.75 14.84 8.96
C GLY B 9 -2.78 15.09 10.09
N PRO B 10 -1.50 14.78 9.87
CA PRO B 10 -0.49 15.08 10.88
C PRO B 10 -0.39 16.57 11.15
N HIS B 11 -1.01 17.37 10.29
CA HIS B 11 -0.85 18.82 10.37
C HIS B 11 -1.43 19.42 11.65
N THR B 12 -2.46 18.78 12.20
CA THR B 12 -3.09 19.28 13.41
C THR B 12 -2.15 19.17 14.61
N ALA B 13 -1.46 18.04 14.72
CA ALA B 13 -0.45 17.89 15.76
C ALA B 13 0.71 18.85 15.52
N LEU B 14 1.19 18.89 14.28
CA LEU B 14 2.32 19.73 13.93
C LEU B 14 2.05 21.21 14.22
N LYS B 15 0.83 21.66 13.93
CA LYS B 15 0.46 23.05 14.18
C LYS B 15 0.61 23.39 15.66
N ASP B 16 0.07 22.53 16.51
CA ASP B 16 0.16 22.71 17.95
C ASP B 16 1.60 22.74 18.41
N ILE B 17 2.39 21.79 17.88
CA ILE B 17 3.80 21.69 18.23
C ILE B 17 4.60 22.90 17.75
N ALA B 18 4.36 23.31 16.51
CA ALA B 18 5.06 24.45 15.93
C ALA B 18 4.74 25.72 16.72
N ASN B 19 3.47 25.91 17.04
CA ASN B 19 3.06 27.07 17.83
C ASN B 19 3.81 27.16 19.14
N LYS B 20 3.84 26.04 19.87
CA LYS B 20 4.54 25.98 21.15
C LYS B 20 6.03 26.24 20.95
N TYR B 21 6.61 25.60 19.95
CA TYR B 21 8.03 25.74 19.67
C TYR B 21 8.41 27.18 19.36
N SER B 22 7.65 27.82 18.50
CA SER B 22 7.94 29.20 18.08
C SER B 22 7.85 30.16 19.26
N GLU B 23 6.81 30.00 20.08
CA GLU B 23 6.65 30.83 21.26
C GLU B 23 7.88 30.68 22.16
N LYS B 24 8.35 29.45 22.30
CA LYS B 24 9.43 29.14 23.22
C LYS B 24 10.80 29.62 22.74
N THR B 25 11.12 29.31 21.49
CA THR B 25 12.46 29.58 20.96
C THR B 25 12.54 30.85 20.13
N GLY B 26 11.39 31.38 19.74
CA GLY B 26 11.36 32.56 18.89
C GLY B 26 11.56 32.23 17.41
N VAL B 27 11.88 30.98 17.13
CA VAL B 27 12.05 30.52 15.76
C VAL B 27 10.69 30.24 15.13
N LYS B 28 10.43 30.84 13.98
CA LYS B 28 9.14 30.69 13.33
C LYS B 28 9.08 29.42 12.49
N VAL B 29 8.09 28.58 12.78
CA VAL B 29 7.91 27.33 12.05
C VAL B 29 6.55 27.31 11.36
N ASN B 30 6.58 27.11 10.05
CA ASN B 30 5.37 27.12 9.25
C ASN B 30 4.99 25.70 8.82
N VAL B 31 3.73 25.34 9.04
CA VAL B 31 3.24 24.03 8.66
C VAL B 31 2.29 24.11 7.46
N ASN B 32 2.84 23.84 6.28
CA ASN B 32 2.05 23.81 5.06
C ASN B 32 1.52 22.40 4.81
N PHE B 33 0.24 22.28 4.51
CA PHE B 33 -0.39 20.97 4.41
C PHE B 33 -1.45 20.87 3.31
N GLY B 34 -1.78 19.65 2.94
CA GLY B 34 -2.79 19.38 1.93
C GLY B 34 -2.29 18.40 0.89
N PRO B 35 -3.11 18.15 -0.14
CA PRO B 35 -2.71 17.31 -1.27
C PRO B 35 -1.41 17.82 -1.88
N GLN B 36 -0.54 16.90 -2.28
CA GLN B 36 0.78 17.27 -2.80
C GLN B 36 0.73 18.32 -3.91
N ALA B 37 -0.26 18.20 -4.80
CA ALA B 37 -0.38 19.11 -5.93
C ALA B 37 -0.57 20.57 -5.52
N THR B 38 -1.16 20.77 -4.34
CA THR B 38 -1.46 22.13 -3.88
C THR B 38 -0.24 22.91 -3.39
N TRP B 39 0.84 22.20 -3.07
CA TRP B 39 2.04 22.88 -2.54
C TRP B 39 3.36 22.44 -3.19
N PHE B 40 3.30 21.49 -4.11
CA PHE B 40 4.51 20.92 -4.69
C PHE B 40 5.47 21.96 -5.25
N GLU B 41 4.97 22.81 -6.14
CA GLU B 41 5.82 23.80 -6.79
C GLU B 41 6.51 24.72 -5.79
N LYS B 42 5.78 25.11 -4.74
CA LYS B 42 6.35 25.97 -3.71
C LYS B 42 7.40 25.22 -2.90
N ALA B 43 7.06 23.99 -2.51
CA ALA B 43 7.97 23.18 -1.72
C ALA B 43 9.32 23.01 -2.42
N LYS B 44 9.30 22.90 -3.74
CA LYS B 44 10.51 22.72 -4.51
C LYS B 44 11.55 23.77 -4.15
N LYS B 45 11.07 24.95 -3.76
CA LYS B 45 11.95 26.10 -3.59
C LYS B 45 12.37 26.38 -2.15
N ASP B 46 11.54 26.01 -1.18
CA ASP B 46 11.86 26.36 0.21
C ASP B 46 11.49 25.32 1.28
N ALA B 47 11.08 24.12 0.85
CA ALA B 47 10.80 23.08 1.82
C ALA B 47 12.06 22.73 2.62
N ASP B 48 11.98 22.88 3.93
CA ASP B 48 13.08 22.49 4.81
C ASP B 48 12.87 21.07 5.30
N ILE B 49 11.60 20.74 5.52
CA ILE B 49 11.22 19.41 6.00
C ILE B 49 9.98 18.93 5.25
N LEU B 50 10.01 17.68 4.81
CA LEU B 50 8.81 17.04 4.30
C LEU B 50 8.32 16.05 5.34
N PHE B 51 7.07 16.20 5.76
CA PHE B 51 6.47 15.24 6.68
C PHE B 51 5.50 14.32 5.94
N GLY B 52 5.30 13.11 6.46
CA GLY B 52 4.45 12.13 5.80
C GLY B 52 3.42 11.49 6.70
N ALA B 53 2.37 10.93 6.08
CA ALA B 53 1.30 10.28 6.81
C ALA B 53 1.34 8.76 6.62
N SER B 54 2.36 8.30 5.88
CA SER B 54 2.66 6.88 5.73
C SER B 54 4.03 6.77 5.09
N ASP B 55 4.59 5.57 5.05
CA ASP B 55 5.92 5.43 4.46
C ASP B 55 5.86 5.44 2.93
N GLN B 56 4.97 4.61 2.37
CA GLN B 56 4.87 4.55 0.91
C GLN B 56 4.57 5.90 0.29
N SER B 57 3.72 6.70 0.93
CA SER B 57 3.36 8.01 0.41
C SER B 57 4.49 9.01 0.59
N ALA B 58 5.18 8.92 1.72
CA ALA B 58 6.32 9.81 2.00
C ALA B 58 7.47 9.51 1.04
N LEU B 59 7.71 8.23 0.78
CA LEU B 59 8.74 7.83 -0.17
C LEU B 59 8.41 8.40 -1.55
N ALA B 60 7.15 8.27 -1.93
CA ALA B 60 6.68 8.77 -3.22
C ALA B 60 6.94 10.27 -3.34
N ILE B 61 6.46 11.01 -2.34
CA ILE B 61 6.57 12.46 -2.35
C ILE B 61 8.02 12.93 -2.35
N ALA B 62 8.83 12.39 -1.44
CA ALA B 62 10.23 12.76 -1.35
C ALA B 62 10.99 12.47 -2.64
N SER B 63 10.61 11.39 -3.32
CA SER B 63 11.27 10.97 -4.55
C SER B 63 11.03 11.97 -5.68
N ASP B 64 9.99 12.79 -5.54
CA ASP B 64 9.63 13.76 -6.56
C ASP B 64 10.52 15.01 -6.49
N PHE B 65 11.41 15.04 -5.50
CA PHE B 65 12.23 16.22 -5.24
C PHE B 65 13.69 16.11 -5.71
N GLY B 66 14.00 15.10 -6.51
CA GLY B 66 15.36 14.91 -6.98
C GLY B 66 16.36 14.90 -5.85
N LYS B 67 17.56 15.44 -6.09
CA LYS B 67 18.65 15.33 -5.13
C LYS B 67 18.53 16.27 -3.91
N ASP B 68 17.56 17.18 -3.96
CA ASP B 68 17.29 18.09 -2.83
C ASP B 68 16.99 17.30 -1.57
N PHE B 69 16.39 16.13 -1.74
CA PHE B 69 16.10 15.23 -0.63
C PHE B 69 16.66 13.85 -0.91
N ASN B 70 17.12 13.19 0.14
CA ASN B 70 17.60 11.81 0.04
C ASN B 70 16.65 10.88 0.77
N VAL B 71 15.93 10.07 0.02
CA VAL B 71 14.83 9.27 0.58
C VAL B 71 15.28 8.24 1.62
N SER B 72 16.57 7.91 1.65
CA SER B 72 17.07 6.96 2.64
C SER B 72 17.03 7.59 4.04
N LYS B 73 16.77 8.89 4.11
CA LYS B 73 16.79 9.63 5.37
C LYS B 73 15.41 9.91 5.93
N ILE B 74 14.39 9.21 5.42
CA ILE B 74 13.04 9.36 5.96
C ILE B 74 12.98 8.71 7.33
N LYS B 75 12.49 9.44 8.32
CA LYS B 75 12.53 9.01 9.71
C LYS B 75 11.13 8.79 10.29
N PRO B 76 10.75 7.53 10.51
CA PRO B 76 9.50 7.23 11.19
C PRO B 76 9.59 7.62 12.66
N LEU B 77 8.60 8.34 13.17
CA LEU B 77 8.63 8.80 14.55
C LEU B 77 7.45 8.33 15.40
N TYR B 78 6.28 8.18 14.76
CA TYR B 78 5.09 7.73 15.45
C TYR B 78 4.24 6.87 14.53
N PHE B 79 3.26 6.17 15.08
CA PHE B 79 2.30 5.43 14.29
C PHE B 79 0.90 5.59 14.87
N ARG B 80 -0.11 5.25 14.08
CA ARG B 80 -1.48 5.22 14.58
C ARG B 80 -2.30 4.23 13.77
N GLU B 81 -3.42 3.79 14.33
CA GLU B 81 -4.23 2.74 13.73
C GLU B 81 -5.26 3.29 12.76
N ALA B 82 -5.57 2.50 11.74
CA ALA B 82 -6.70 2.79 10.87
C ALA B 82 -7.99 2.61 11.66
N ILE B 83 -9.01 3.36 11.28
CA ILE B 83 -10.33 3.21 11.90
C ILE B 83 -11.41 3.24 10.83
N ILE B 84 -12.62 2.91 11.23
CA ILE B 84 -13.79 3.12 10.40
C ILE B 84 -14.54 4.32 10.94
N LEU B 85 -14.80 5.31 10.10
CA LEU B 85 -15.62 6.43 10.51
C LEU B 85 -17.02 6.23 9.94
N THR B 86 -18.01 6.14 10.81
CA THR B 86 -19.39 6.00 10.37
C THR B 86 -20.12 7.33 10.52
N GLN B 87 -21.30 7.44 9.92
CA GLN B 87 -22.10 8.64 10.10
C GLN B 87 -22.49 8.74 11.57
N LYS B 88 -22.81 9.96 12.01
CA LYS B 88 -23.09 10.20 13.42
C LYS B 88 -24.13 9.23 13.98
N GLY B 89 -23.79 8.59 15.10
CA GLY B 89 -24.69 7.68 15.76
C GLY B 89 -24.54 6.23 15.30
N ASN B 90 -23.77 6.03 14.24
CA ASN B 90 -23.56 4.69 13.68
C ASN B 90 -24.88 3.94 13.52
N PRO B 91 -25.79 4.51 12.72
CA PRO B 91 -27.15 4.00 12.54
C PRO B 91 -27.19 2.57 12.01
N LEU B 92 -26.18 2.17 11.24
CA LEU B 92 -26.14 0.83 10.67
C LEU B 92 -25.50 -0.18 11.61
N LYS B 93 -25.11 0.29 12.79
CA LYS B 93 -24.57 -0.58 13.82
C LYS B 93 -23.35 -1.35 13.34
N ILE B 94 -22.46 -0.66 12.63
CA ILE B 94 -21.24 -1.28 12.12
C ILE B 94 -20.29 -1.63 13.26
N LYS B 95 -19.83 -2.89 13.29
CA LYS B 95 -19.01 -3.39 14.40
C LYS B 95 -17.54 -3.59 14.03
N GLY B 96 -17.22 -3.42 12.75
CA GLY B 96 -15.85 -3.63 12.27
C GLY B 96 -15.80 -3.86 10.77
N LEU B 97 -14.64 -4.28 10.28
CA LEU B 97 -14.44 -4.45 8.84
C LEU B 97 -15.27 -5.59 8.25
N LYS B 98 -15.35 -6.71 8.97
CA LYS B 98 -16.13 -7.83 8.48
C LYS B 98 -17.58 -7.41 8.31
N ASP B 99 -18.03 -6.54 9.21
CA ASP B 99 -19.39 -6.02 9.18
C ASP B 99 -19.62 -5.20 7.90
N LEU B 100 -18.59 -4.46 7.49
CA LEU B 100 -18.66 -3.67 6.26
C LEU B 100 -18.69 -4.54 5.01
N ALA B 101 -18.23 -5.78 5.15
CA ALA B 101 -18.26 -6.73 4.05
C ALA B 101 -19.61 -7.43 3.97
N ASN B 102 -20.21 -7.67 5.13
CA ASN B 102 -21.45 -8.46 5.20
C ASN B 102 -22.74 -7.64 5.13
N LYS B 103 -22.63 -6.34 5.40
CA LYS B 103 -23.80 -5.46 5.34
C LYS B 103 -23.83 -4.69 4.03
N LYS B 104 -25.01 -4.19 3.66
CA LYS B 104 -25.15 -3.36 2.48
C LYS B 104 -24.79 -1.92 2.85
N VAL B 105 -23.53 -1.56 2.64
CA VAL B 105 -23.05 -0.24 3.04
C VAL B 105 -22.20 0.39 1.95
N ARG B 106 -22.10 1.71 2.00
CA ARG B 106 -21.29 2.47 1.05
C ARG B 106 -19.98 2.89 1.71
N ILE B 107 -18.87 2.42 1.15
CA ILE B 107 -17.56 2.69 1.73
C ILE B 107 -16.73 3.60 0.84
N VAL B 108 -16.05 4.57 1.45
CA VAL B 108 -15.09 5.39 0.72
C VAL B 108 -13.70 5.15 1.29
N VAL B 109 -12.70 5.07 0.42
CA VAL B 109 -11.34 4.82 0.85
C VAL B 109 -10.37 5.58 -0.05
N PRO B 110 -9.34 6.19 0.53
CA PRO B 110 -8.34 6.84 -0.31
C PRO B 110 -7.40 5.81 -0.94
N GLU B 111 -7.30 5.86 -2.27
CA GLU B 111 -6.36 5.02 -3.00
C GLU B 111 -5.69 5.88 -4.08
N GLY B 112 -4.37 5.82 -4.15
CA GLY B 112 -3.60 6.69 -5.04
C GLY B 112 -3.79 6.41 -6.52
N ALA B 113 -4.07 5.16 -6.87
CA ALA B 113 -4.22 4.75 -8.27
C ALA B 113 -3.00 5.11 -9.11
N GLY B 114 -1.86 5.22 -8.46
CA GLY B 114 -0.59 5.49 -9.16
C GLY B 114 -0.44 6.91 -9.64
N LYS B 115 -1.35 7.79 -9.25
CA LYS B 115 -1.31 9.17 -9.72
C LYS B 115 -1.50 10.18 -8.59
N SER B 116 -1.75 9.67 -7.39
CA SER B 116 -1.84 10.50 -6.20
C SER B 116 -1.07 9.84 -5.07
N ASN B 117 -0.31 10.63 -4.32
CA ASN B 117 0.47 10.10 -3.22
C ASN B 117 -0.26 10.28 -1.90
N THR B 118 -1.01 9.25 -1.50
CA THR B 118 -1.88 9.32 -0.34
C THR B 118 -1.59 8.20 0.64
N SER B 119 -1.73 8.50 1.93
CA SER B 119 -1.48 7.52 2.99
C SER B 119 -2.37 6.29 2.90
N GLY B 120 -3.47 6.40 2.16
CA GLY B 120 -4.46 5.31 2.14
C GLY B 120 -4.11 4.12 1.28
N THR B 121 -3.17 4.30 0.36
CA THR B 121 -2.89 3.28 -0.65
C THR B 121 -2.48 1.92 -0.07
N GLY B 122 -3.26 0.89 -0.38
CA GLY B 122 -2.94 -0.47 0.06
C GLY B 122 -3.55 -0.84 1.40
N VAL B 123 -4.13 0.14 2.09
CA VAL B 123 -4.65 -0.08 3.43
C VAL B 123 -5.84 -1.05 3.48
N TRP B 124 -6.89 -0.75 2.73
CA TRP B 124 -8.11 -1.56 2.84
C TRP B 124 -7.85 -3.02 2.49
N GLU B 125 -7.08 -3.30 1.44
CA GLU B 125 -6.85 -4.67 1.04
C GLU B 125 -5.96 -5.42 2.02
N ASP B 126 -5.03 -4.69 2.64
CA ASP B 126 -4.15 -5.32 3.62
C ASP B 126 -4.90 -5.72 4.89
N MET B 127 -5.91 -4.93 5.24
CA MET B 127 -6.72 -5.26 6.42
C MET B 127 -7.70 -6.39 6.16
N ILE B 128 -8.58 -6.22 5.17
CA ILE B 128 -9.59 -7.23 4.89
C ILE B 128 -8.97 -8.54 4.35
N GLY B 129 -7.79 -8.43 3.73
CA GLY B 129 -7.10 -9.60 3.23
C GLY B 129 -6.70 -10.55 4.35
N ARG B 130 -6.54 -10.02 5.55
CA ARG B 130 -6.13 -10.84 6.68
C ARG B 130 -7.25 -11.75 7.20
N THR B 131 -8.44 -11.64 6.62
CA THR B 131 -9.52 -12.59 6.88
C THR B 131 -9.25 -13.90 6.14
N GLN B 132 -8.35 -13.84 5.17
CA GLN B 132 -7.99 -15.00 4.38
C GLN B 132 -9.22 -15.69 3.79
N ASP B 133 -10.17 -14.88 3.34
CA ASP B 133 -11.40 -15.40 2.74
C ASP B 133 -11.75 -14.55 1.52
N ILE B 134 -11.63 -15.14 0.33
CA ILE B 134 -11.83 -14.38 -0.90
C ILE B 134 -13.24 -13.80 -1.01
N LYS B 135 -14.23 -14.54 -0.54
CA LYS B 135 -15.61 -14.06 -0.58
C LYS B 135 -15.75 -12.79 0.23
N THR B 136 -15.11 -12.76 1.40
CA THR B 136 -15.15 -11.58 2.27
C THR B 136 -14.46 -10.40 1.60
N ILE B 137 -13.30 -10.66 1.00
CA ILE B 137 -12.57 -9.62 0.28
C ILE B 137 -13.43 -9.07 -0.86
N GLN B 138 -14.03 -9.97 -1.63
CA GLN B 138 -14.93 -9.59 -2.72
C GLN B 138 -16.10 -8.75 -2.21
N ASN B 139 -16.72 -9.21 -1.13
CA ASN B 139 -17.87 -8.54 -0.56
C ASN B 139 -17.55 -7.13 -0.08
N PHE B 140 -16.41 -7.00 0.61
CA PHE B 140 -15.94 -5.69 1.06
C PHE B 140 -15.72 -4.77 -0.14
N ARG B 141 -15.01 -5.27 -1.15
CA ARG B 141 -14.72 -4.47 -2.33
C ARG B 141 -15.99 -4.01 -3.04
N ASN B 142 -16.96 -4.91 -3.15
CA ASN B 142 -18.24 -4.59 -3.79
C ASN B 142 -18.97 -3.43 -3.11
N ASN B 143 -18.63 -3.17 -1.86
CA ASN B 143 -19.26 -2.10 -1.10
C ASN B 143 -18.53 -0.77 -1.22
N ILE B 144 -17.34 -0.79 -1.80
CA ILE B 144 -16.61 0.44 -2.03
C ILE B 144 -17.29 1.26 -3.12
N VAL B 145 -17.86 2.39 -2.73
CA VAL B 145 -18.60 3.22 -3.66
C VAL B 145 -17.70 4.24 -4.33
N ALA B 146 -16.57 4.52 -3.71
CA ALA B 146 -15.64 5.50 -4.25
C ALA B 146 -14.22 5.32 -3.74
N PHE B 147 -13.29 5.25 -4.69
CA PHE B 147 -11.87 5.40 -4.38
C PHE B 147 -11.55 6.86 -4.61
N VAL B 148 -10.93 7.50 -3.63
CA VAL B 148 -10.63 8.92 -3.74
C VAL B 148 -9.12 9.18 -3.64
N PRO B 149 -8.65 10.28 -4.24
CA PRO B 149 -7.21 10.54 -4.34
C PRO B 149 -6.50 10.84 -3.02
N ASN B 150 -7.25 11.23 -1.99
CA ASN B 150 -6.65 11.56 -0.70
C ASN B 150 -7.68 11.67 0.41
N SER B 151 -7.20 11.73 1.64
CA SER B 151 -8.08 11.78 2.82
C SER B 151 -9.04 12.97 2.79
N GLY B 152 -8.52 14.13 2.39
CA GLY B 152 -9.35 15.32 2.29
C GLY B 152 -10.55 15.12 1.39
N SER B 153 -10.33 14.41 0.28
CA SER B 153 -11.41 14.11 -0.66
C SER B 153 -12.46 13.19 -0.02
N ALA B 154 -11.98 12.22 0.75
CA ALA B 154 -12.88 11.31 1.46
C ALA B 154 -13.72 12.08 2.47
N ARG B 155 -13.08 13.00 3.19
CA ARG B 155 -13.78 13.81 4.17
C ARG B 155 -14.94 14.56 3.53
N LYS B 156 -14.67 15.16 2.37
CA LYS B 156 -15.68 15.93 1.65
C LYS B 156 -16.86 15.06 1.23
N LEU B 157 -16.55 13.90 0.66
CA LEU B 157 -17.57 12.95 0.23
C LEU B 157 -18.40 12.49 1.43
N PHE B 158 -17.71 12.16 2.52
CA PHE B 158 -18.37 11.73 3.75
C PHE B 158 -19.28 12.83 4.28
N ALA B 159 -18.80 14.07 4.24
CA ALA B 159 -19.56 15.21 4.76
C ALA B 159 -20.85 15.44 3.98
N GLN B 160 -20.86 15.03 2.71
CA GLN B 160 -22.04 15.17 1.88
C GLN B 160 -22.98 13.96 2.00
N ASP B 161 -22.69 13.10 2.98
CA ASP B 161 -23.52 11.92 3.22
C ASP B 161 -23.53 10.98 2.00
N GLN B 162 -22.41 10.93 1.29
CA GLN B 162 -22.28 10.10 0.10
C GLN B 162 -21.79 8.70 0.45
N ALA B 163 -21.30 8.52 1.67
CA ALA B 163 -20.81 7.22 2.11
C ALA B 163 -21.24 6.93 3.54
N ASP B 164 -21.43 5.66 3.85
CA ASP B 164 -21.82 5.23 5.20
C ASP B 164 -20.58 5.01 6.06
N ALA B 165 -19.47 4.68 5.42
CA ALA B 165 -18.24 4.38 6.14
C ALA B 165 -17.02 4.89 5.39
N TRP B 166 -16.09 5.48 6.13
CA TRP B 166 -14.86 5.99 5.58
C TRP B 166 -13.69 5.32 6.29
N ILE B 167 -12.89 4.59 5.52
CA ILE B 167 -11.68 3.97 6.06
C ILE B 167 -10.61 5.04 6.20
N THR B 168 -10.27 5.37 7.44
CA THR B 168 -9.37 6.49 7.71
C THR B 168 -8.43 6.19 8.88
N TRP B 169 -7.88 7.25 9.49
CA TRP B 169 -6.96 7.09 10.61
C TRP B 169 -7.52 7.73 11.87
N ILE B 170 -7.11 7.21 13.02
CA ILE B 170 -7.64 7.69 14.30
C ILE B 170 -7.42 9.20 14.47
N ASP B 171 -6.31 9.72 13.95
CA ASP B 171 -6.01 11.14 14.12
C ASP B 171 -7.02 12.05 13.41
N TRP B 172 -7.58 11.58 12.30
CA TRP B 172 -8.62 12.35 11.61
C TRP B 172 -9.85 12.53 12.48
N SER B 173 -10.19 11.49 13.23
CA SER B 173 -11.32 11.55 14.14
C SER B 173 -11.00 12.45 15.34
N LYS B 174 -9.84 12.24 15.95
CA LYS B 174 -9.42 13.04 17.09
C LYS B 174 -9.35 14.52 16.72
N SER B 175 -8.88 14.80 15.51
CA SER B 175 -8.76 16.17 15.03
C SER B 175 -10.13 16.79 14.75
N ASN B 176 -11.11 15.93 14.50
CA ASN B 176 -12.45 16.37 14.12
C ASN B 176 -13.55 15.61 14.86
N PRO B 177 -13.66 15.83 16.16
CA PRO B 177 -14.63 15.11 16.98
C PRO B 177 -16.05 15.26 16.46
N ASP B 178 -16.33 16.36 15.77
CA ASP B 178 -17.68 16.65 15.28
C ASP B 178 -18.07 15.78 14.09
N ILE B 179 -17.09 15.20 13.42
CA ILE B 179 -17.36 14.45 12.19
C ILE B 179 -17.48 12.94 12.42
N GLY B 180 -18.69 12.43 12.25
CA GLY B 180 -18.95 10.99 12.30
C GLY B 180 -18.78 10.33 13.65
N THR B 181 -18.70 9.01 13.64
CA THR B 181 -18.54 8.21 14.85
C THR B 181 -17.49 7.15 14.58
N ALA B 182 -16.41 7.17 15.35
CA ALA B 182 -15.30 6.24 15.14
C ALA B 182 -15.64 4.83 15.61
N VAL B 183 -15.32 3.85 14.77
CA VAL B 183 -15.47 2.45 15.12
C VAL B 183 -14.12 1.75 14.96
N ALA B 184 -13.66 1.11 16.03
CA ALA B 184 -12.37 0.43 16.02
C ALA B 184 -12.40 -0.79 15.12
N ILE B 185 -11.28 -1.02 14.43
CA ILE B 185 -11.14 -2.17 13.55
C ILE B 185 -10.59 -3.38 14.32
N GLU B 186 -11.06 -4.57 13.95
CA GLU B 186 -10.61 -5.80 14.58
C GLU B 186 -9.09 -5.82 14.73
N LYS B 187 -8.63 -6.10 15.94
CA LYS B 187 -7.19 -6.10 16.22
C LYS B 187 -6.40 -7.00 15.28
N ASP B 188 -7.00 -8.12 14.87
CA ASP B 188 -6.28 -9.07 14.03
C ASP B 188 -6.30 -8.68 12.55
N LEU B 189 -6.95 -7.56 12.23
CA LEU B 189 -7.05 -7.09 10.86
C LEU B 189 -6.39 -5.72 10.66
N VAL B 190 -6.44 -4.89 11.69
CA VAL B 190 -6.07 -3.48 11.57
C VAL B 190 -4.60 -3.29 11.16
N VAL B 191 -4.34 -2.23 10.40
CA VAL B 191 -2.96 -1.84 10.12
C VAL B 191 -2.63 -0.51 10.78
N TYR B 192 -1.34 -0.34 11.08
CA TYR B 192 -0.84 0.88 11.69
C TYR B 192 0.17 1.51 10.75
N ARG B 193 -0.03 2.78 10.41
CA ARG B 193 0.94 3.48 9.59
C ARG B 193 1.56 4.67 10.30
N THR B 194 2.67 5.17 9.76
CA THR B 194 3.54 6.07 10.50
C THR B 194 3.48 7.53 10.08
N PHE B 195 3.87 8.38 11.02
CA PHE B 195 4.24 9.76 10.73
C PHE B 195 5.74 9.79 10.57
N ASN B 196 6.23 10.54 9.58
CA ASN B 196 7.66 10.63 9.37
C ASN B 196 8.11 12.02 8.93
N VAL B 197 9.41 12.25 8.99
CA VAL B 197 9.99 13.51 8.53
C VAL B 197 11.31 13.26 7.82
N ILE B 198 11.64 14.15 6.89
CA ILE B 198 12.95 14.14 6.26
C ILE B 198 13.38 15.59 6.02
N ALA B 199 14.58 15.91 6.48
CA ALA B 199 15.14 17.24 6.29
C ALA B 199 15.85 17.32 4.94
N LYS B 200 15.78 18.48 4.30
CA LYS B 200 16.44 18.67 3.02
C LYS B 200 17.95 18.56 3.19
N GLU B 201 18.65 18.22 2.11
CA GLU B 201 20.09 18.18 2.13
C GLU B 201 20.59 19.59 2.46
N GLY B 202 21.56 19.69 3.36
CA GLY B 202 22.10 20.99 3.78
C GLY B 202 21.16 21.75 4.69
N ALA B 203 20.30 21.02 5.39
CA ALA B 203 19.34 21.64 6.30
C ALA B 203 20.01 22.54 7.33
N SER B 204 19.39 23.68 7.62
CA SER B 204 19.91 24.63 8.58
C SER B 204 19.84 24.11 10.01
N LYS B 205 20.55 24.78 10.91
CA LYS B 205 20.56 24.39 12.32
C LYS B 205 19.15 24.51 12.89
N GLU B 206 18.45 25.57 12.51
CA GLU B 206 17.07 25.78 12.94
C GLU B 206 16.22 24.59 12.56
N THR B 207 16.43 24.08 11.36
CA THR B 207 15.68 22.93 10.85
C THR B 207 16.01 21.68 11.65
N GLN B 208 17.30 21.44 11.87
CA GLN B 208 17.73 20.29 12.65
C GLN B 208 17.19 20.37 14.07
N ASP B 209 17.19 21.58 14.62
CA ASP B 209 16.70 21.80 15.99
C ASP B 209 15.24 21.43 16.14
N PHE B 210 14.42 21.80 15.15
CA PHE B 210 12.99 21.49 15.21
C PHE B 210 12.75 20.00 15.06
N ILE B 211 13.49 19.35 14.16
CA ILE B 211 13.41 17.91 14.02
C ILE B 211 13.61 17.23 15.36
N ALA B 212 14.62 17.65 16.10
CA ALA B 212 14.88 17.11 17.42
C ALA B 212 13.69 17.32 18.35
N TYR B 213 13.09 18.51 18.28
CA TYR B 213 11.96 18.85 19.14
C TYR B 213 10.77 17.92 18.93
N LEU B 214 10.66 17.36 17.73
CA LEU B 214 9.56 16.45 17.42
C LEU B 214 9.64 15.19 18.26
N SER B 215 10.78 14.97 18.89
CA SER B 215 10.97 13.82 19.77
C SER B 215 11.13 14.23 21.22
N SER B 216 10.79 15.48 21.52
CA SER B 216 10.85 15.99 22.89
C SER B 216 9.61 15.57 23.66
N LYS B 217 9.68 15.68 24.98
CA LYS B 217 8.55 15.29 25.83
C LYS B 217 7.29 16.08 25.47
N GLU B 218 7.46 17.38 25.24
CA GLU B 218 6.32 18.23 24.91
C GLU B 218 5.70 17.82 23.58
N ALA B 219 6.53 17.42 22.63
CA ALA B 219 6.06 16.98 21.32
C ALA B 219 5.33 15.65 21.44
N LYS B 220 5.94 14.69 22.14
CA LYS B 220 5.33 13.39 22.33
C LYS B 220 3.91 13.50 22.86
N GLU B 221 3.71 14.39 23.84
CA GLU B 221 2.41 14.51 24.48
C GLU B 221 1.35 15.06 23.54
N ILE B 222 1.74 16.01 22.70
CA ILE B 222 0.81 16.59 21.73
C ILE B 222 0.43 15.55 20.67
N PHE B 223 1.43 14.84 20.16
CA PHE B 223 1.16 13.74 19.23
C PHE B 223 0.19 12.75 19.85
N LYS B 224 0.43 12.41 21.11
CA LYS B 224 -0.41 11.45 21.83
C LYS B 224 -1.88 11.89 21.87
N LYS B 225 -2.11 13.19 22.04
CA LYS B 225 -3.47 13.72 22.08
C LYS B 225 -4.24 13.45 20.80
N TYR B 226 -3.51 13.35 19.69
CA TYR B 226 -4.15 13.13 18.38
C TYR B 226 -4.14 11.66 17.97
N GLY B 227 -3.65 10.80 18.86
CA GLY B 227 -3.70 9.36 18.64
C GLY B 227 -2.40 8.74 18.16
N TRP B 228 -1.37 9.55 18.01
CA TRP B 228 -0.07 9.08 17.54
C TRP B 228 0.73 8.43 18.67
N ARG B 229 1.22 7.22 18.43
CA ARG B 229 1.88 6.42 19.45
C ARG B 229 3.32 6.04 19.08
N GLU B 230 4.08 5.59 20.07
CA GLU B 230 5.43 5.08 19.84
C GLU B 230 5.50 3.59 20.17
N HIS B 231 4.69 3.17 21.13
CA HIS B 231 4.68 1.78 21.58
C HIS B 231 3.30 1.40 22.11
#